data_5HXD
#
_entry.id   5HXD
#
_cell.length_a   59.893
_cell.length_b   59.893
_cell.length_c   129.870
_cell.angle_alpha   90.00
_cell.angle_beta   90.00
_cell.angle_gamma   120.00
#
_symmetry.space_group_name_H-M   'P 31'
#
loop_
_entity.id
_entity.type
_entity.pdbx_description
1 polymer 'Protein MpaA'
2 non-polymer 'ZINC ION'
3 non-polymer 'CACODYLATE ION'
4 water water
#
_entity_poly.entity_id   1
_entity_poly.type   'polypeptide(L)'
_entity_poly.pdbx_seq_one_letter_code
;MTVTRPRAERGAFPPGTEHYGRSLLGAPLIWFPAPAASRESGLILAGTHGDENSSVVTLSCALRTLTPSLRRHHVVLCVN
PDGCQLGLRANANGVDLNRNFPAANWKEGETVYRWNSAAEERDVVLLTGDKPGSEPETQALCQLIHRIQPAWVVSFHDPL
ACIEDPRHSELGEWLAQAFELPLVTSVGYETPGSFGSWCADLNLHCITAEFPPISSDEASEKYLFAMANLLRWHPKD
;
_entity_poly.pdbx_strand_id   A,B
#
loop_
_chem_comp.id
_chem_comp.type
_chem_comp.name
_chem_comp.formula
CAC non-polymer 'CACODYLATE ION' 'C2 H6 As O2 -1'
ZN non-polymer 'ZINC ION' 'Zn 2'
#
# COMPACT_ATOMS: atom_id res chain seq x y z
N MET A 1 -27.47 15.12 8.86
CA MET A 1 -26.99 16.43 9.32
C MET A 1 -25.57 16.34 9.92
N THR A 2 -24.96 15.15 9.87
CA THR A 2 -23.67 14.85 10.53
C THR A 2 -22.43 15.24 9.70
N VAL A 3 -21.36 15.64 10.38
CA VAL A 3 -20.08 15.93 9.73
C VAL A 3 -19.43 14.65 9.12
N THR A 4 -19.74 13.49 9.68
CA THR A 4 -19.15 12.21 9.24
C THR A 4 -20.16 11.08 9.05
N ARG A 5 -19.96 10.30 7.99
CA ARG A 5 -20.68 9.03 7.82
C ARG A 5 -20.52 8.12 9.05
N PRO A 6 -21.56 7.36 9.41
CA PRO A 6 -21.48 6.41 10.52
C PRO A 6 -20.37 5.38 10.32
N ARG A 7 -19.60 5.09 11.36
CA ARG A 7 -18.45 4.18 11.30
C ARG A 7 -18.81 2.86 10.64
N ALA A 8 -20.06 2.43 10.82
CA ALA A 8 -20.51 1.13 10.31
C ALA A 8 -20.57 1.04 8.79
N GLU A 9 -20.58 2.15 8.08
CA GLU A 9 -20.70 2.11 6.62
C GLU A 9 -19.51 2.69 5.87
N ARG A 10 -18.41 2.91 6.57
CA ARG A 10 -17.20 3.44 5.95
C ARG A 10 -16.37 2.36 5.24
N GLY A 11 -17.01 1.24 4.90
CA GLY A 11 -16.31 0.17 4.20
C GLY A 11 -16.23 0.37 2.70
N ALA A 12 -17.17 1.13 2.16
CA ALA A 12 -17.15 1.40 0.73
C ALA A 12 -16.90 2.87 0.47
N PHE A 13 -16.76 3.22 -0.80
CA PHE A 13 -16.60 4.61 -1.20
C PHE A 13 -17.97 5.19 -1.56
N PRO A 14 -18.22 6.46 -1.17
CA PRO A 14 -19.35 7.20 -1.72
C PRO A 14 -19.19 7.33 -3.24
N PRO A 15 -20.30 7.31 -3.98
CA PRO A 15 -20.36 7.35 -5.47
C PRO A 15 -19.49 8.44 -6.13
N GLY A 16 -19.26 8.29 -7.44
CA GLY A 16 -18.58 9.31 -8.21
C GLY A 16 -17.09 9.09 -8.42
N THR A 17 -16.70 7.83 -8.52
CA THR A 17 -15.33 7.52 -8.81
C THR A 17 -15.19 7.63 -10.33
N GLU A 18 -14.01 8.05 -10.77
CA GLU A 18 -13.69 8.17 -12.19
C GLU A 18 -12.31 7.59 -12.46
N HIS A 19 -12.00 7.31 -13.71
CA HIS A 19 -10.63 6.93 -14.10
C HIS A 19 -9.95 8.00 -14.95
N TYR A 20 -8.73 8.41 -14.62
CA TYR A 20 -7.94 9.27 -15.52
C TYR A 20 -6.78 8.54 -16.22
N GLY A 21 -6.82 7.20 -16.25
CA GLY A 21 -5.90 6.47 -17.10
C GLY A 21 -5.62 5.03 -16.72
N ARG A 22 -4.45 4.55 -17.15
CA ARG A 22 -3.94 3.22 -16.82
C ARG A 22 -2.45 3.25 -16.42
N SER A 23 -2.14 2.54 -15.32
CA SER A 23 -0.76 2.23 -14.94
C SER A 23 -0.10 1.39 -16.00
N LEU A 24 1.23 1.39 -15.97
CA LEU A 24 2.03 0.51 -16.82
C LEU A 24 1.61 -0.97 -16.86
N LEU A 25 1.22 -1.52 -15.72
CA LEU A 25 0.85 -2.93 -15.68
C LEU A 25 -0.65 -3.15 -15.94
N GLY A 26 -1.39 -2.07 -16.12
CA GLY A 26 -2.77 -2.20 -16.55
C GLY A 26 -3.84 -1.86 -15.52
N ALA A 27 -3.44 -1.40 -14.34
CA ALA A 27 -4.43 -1.04 -13.33
C ALA A 27 -5.07 0.29 -13.69
N PRO A 28 -6.28 0.57 -13.16
CA PRO A 28 -6.79 1.90 -13.52
C PRO A 28 -6.17 2.99 -12.66
N LEU A 29 -6.01 4.17 -13.24
CA LEU A 29 -5.71 5.35 -12.46
C LEU A 29 -7.05 5.97 -12.04
N ILE A 30 -7.28 6.05 -10.74
CA ILE A 30 -8.59 6.36 -10.17
C ILE A 30 -8.56 7.74 -9.52
N TRP A 31 -9.60 8.53 -9.73
CA TRP A 31 -9.73 9.78 -8.98
C TRP A 31 -11.16 10.09 -8.60
N PHE A 32 -11.27 11.01 -7.66
CA PHE A 32 -12.53 11.29 -7.00
C PHE A 32 -12.82 12.75 -7.15
N PRO A 33 -13.45 13.15 -8.27
CA PRO A 33 -13.76 14.56 -8.56
C PRO A 33 -14.63 15.18 -7.47
N ALA A 34 -14.32 16.42 -7.09
CA ALA A 34 -15.07 17.13 -6.06
C ALA A 34 -16.49 17.28 -6.54
N PRO A 35 -17.45 17.07 -5.62
CA PRO A 35 -18.88 17.12 -5.93
C PRO A 35 -19.27 18.39 -6.68
N ALA A 36 -19.14 19.57 -6.05
CA ALA A 36 -19.37 20.84 -6.74
C ALA A 36 -18.07 21.64 -6.83
N ALA A 37 -17.22 21.27 -7.78
CA ALA A 37 -15.95 21.95 -7.94
C ALA A 37 -16.17 23.42 -8.34
N SER A 38 -15.38 24.27 -7.71
CA SER A 38 -15.43 25.71 -7.89
C SER A 38 -13.99 26.18 -8.09
N ARG A 39 -13.77 27.50 -8.23
CA ARG A 39 -12.43 28.04 -8.44
C ARG A 39 -11.50 27.75 -7.24
N GLU A 40 -12.12 27.47 -6.11
CA GLU A 40 -11.41 27.22 -4.88
C GLU A 40 -10.89 25.78 -4.83
N SER A 41 -11.51 24.92 -5.65
CA SER A 41 -11.22 23.49 -5.62
C SER A 41 -9.77 23.24 -5.89
N GLY A 42 -9.14 22.49 -4.99
CA GLY A 42 -7.76 22.10 -5.09
C GLY A 42 -7.64 20.61 -5.27
N LEU A 43 -6.42 20.09 -5.18
CA LEU A 43 -6.19 18.67 -5.45
C LEU A 43 -5.46 18.01 -4.28
N ILE A 44 -5.97 16.87 -3.82
CA ILE A 44 -5.28 16.13 -2.76
C ILE A 44 -4.80 14.77 -3.29
N LEU A 45 -3.51 14.53 -3.10
CA LEU A 45 -2.79 13.50 -3.83
C LEU A 45 -2.15 12.56 -2.85
N ALA A 46 -1.99 11.29 -3.24
CA ALA A 46 -1.26 10.35 -2.42
C ALA A 46 -0.69 9.19 -3.23
N GLY A 47 0.17 8.41 -2.57
CA GLY A 47 0.74 7.23 -3.19
C GLY A 47 1.60 7.44 -4.42
N THR A 48 2.20 8.63 -4.54
CA THR A 48 3.17 8.87 -5.59
C THR A 48 4.23 7.76 -5.56
N HIS A 49 4.73 7.48 -4.36
CA HIS A 49 5.66 6.38 -4.09
C HIS A 49 4.91 5.22 -3.45
N GLY A 50 4.98 4.04 -4.05
CA GLY A 50 4.17 2.90 -3.65
C GLY A 50 4.37 2.30 -2.25
N ASP A 51 5.51 2.56 -1.60
CA ASP A 51 5.68 2.13 -0.21
C ASP A 51 5.21 3.18 0.84
N GLU A 52 4.80 4.37 0.38
CA GLU A 52 4.30 5.42 1.29
C GLU A 52 2.80 5.32 1.51
N ASN A 53 2.48 4.22 2.19
CA ASN A 53 1.18 3.66 2.45
C ASN A 53 0.26 4.32 3.48
N SER A 54 0.88 4.78 4.57
CA SER A 54 0.12 5.34 5.70
C SER A 54 -0.70 6.59 5.36
N SER A 55 -0.38 7.27 4.27
CA SER A 55 -1.20 8.41 3.87
C SER A 55 -2.29 7.99 2.89
N VAL A 56 -2.06 6.94 2.11
CA VAL A 56 -3.06 6.46 1.17
C VAL A 56 -4.21 5.77 1.89
N VAL A 57 -3.93 5.20 3.04
CA VAL A 57 -5.01 4.62 3.82
C VAL A 57 -5.72 5.73 4.60
N THR A 58 -4.95 6.71 5.06
CA THR A 58 -5.51 7.82 5.81
C THR A 58 -6.45 8.67 4.96
N LEU A 59 -5.99 9.03 3.77
CA LEU A 59 -6.81 9.76 2.80
C LEU A 59 -8.02 8.96 2.33
N SER A 60 -7.85 7.65 2.16
CA SER A 60 -8.95 6.77 1.77
C SER A 60 -9.99 6.67 2.89
N CYS A 61 -9.51 6.80 4.13
CA CYS A 61 -10.38 6.75 5.31
C CYS A 61 -11.14 8.06 5.43
N ALA A 62 -10.41 9.15 5.24
CA ALA A 62 -11.01 10.47 5.30
C ALA A 62 -12.05 10.63 4.21
N LEU A 63 -11.73 10.17 3.01
CA LEU A 63 -12.66 10.25 1.89
C LEU A 63 -13.90 9.42 2.14
N ARG A 64 -13.76 8.33 2.89
CA ARG A 64 -14.85 7.40 3.20
C ARG A 64 -15.59 7.79 4.49
N THR A 65 -15.07 8.80 5.20
CA THR A 65 -15.62 9.24 6.48
C THR A 65 -16.44 10.51 6.38
N LEU A 66 -15.76 11.60 6.00
CA LEU A 66 -16.39 12.91 5.80
C LEU A 66 -17.66 12.78 4.96
N THR A 67 -18.69 13.56 5.29
CA THR A 67 -19.95 13.47 4.58
C THR A 67 -19.73 14.08 3.20
N PRO A 68 -20.13 13.35 2.15
CA PRO A 68 -19.77 13.68 0.75
C PRO A 68 -20.08 15.12 0.34
N SER A 69 -21.28 15.62 0.67
CA SER A 69 -21.70 16.98 0.29
C SER A 69 -20.65 18.05 0.60
N LEU A 70 -19.94 17.87 1.72
CA LEU A 70 -18.99 18.84 2.25
C LEU A 70 -17.59 18.84 1.59
N ARG A 71 -17.34 17.98 0.61
CA ARG A 71 -15.99 17.92 0.03
C ARG A 71 -15.77 19.05 -0.97
N ARG A 72 -14.71 19.81 -0.74
CA ARG A 72 -14.41 20.94 -1.61
C ARG A 72 -13.38 20.63 -2.69
N HIS A 73 -12.57 19.60 -2.47
CA HIS A 73 -11.36 19.35 -3.26
C HIS A 73 -11.31 17.96 -3.91
N HIS A 74 -10.69 17.88 -5.09
CA HIS A 74 -10.49 16.63 -5.82
C HIS A 74 -9.47 15.71 -5.14
N VAL A 75 -9.63 14.40 -5.35
CA VAL A 75 -8.80 13.41 -4.66
C VAL A 75 -8.28 12.30 -5.56
N VAL A 76 -6.97 12.09 -5.49
CA VAL A 76 -6.30 10.90 -6.04
C VAL A 76 -5.62 10.10 -4.91
N LEU A 77 -6.16 8.94 -4.58
CA LEU A 77 -5.60 8.12 -3.50
C LEU A 77 -4.24 7.52 -3.85
N CYS A 78 -4.07 7.08 -5.09
CA CYS A 78 -2.83 6.39 -5.45
C CYS A 78 -2.34 6.75 -6.85
N VAL A 79 -1.31 7.59 -6.91
CA VAL A 79 -0.73 8.00 -8.17
C VAL A 79 -0.07 6.78 -8.86
N ASN A 80 0.48 5.88 -8.05
CA ASN A 80 1.31 4.77 -8.51
C ASN A 80 0.79 3.41 -8.08
N PRO A 81 -0.37 2.98 -8.60
CA PRO A 81 -1.01 1.75 -8.09
C PRO A 81 -0.23 0.45 -8.34
N ASP A 82 0.74 0.47 -9.26
CA ASP A 82 1.65 -0.67 -9.45
C ASP A 82 2.74 -0.65 -8.36
N GLY A 83 3.16 0.55 -7.99
CA GLY A 83 4.05 0.75 -6.85
C GLY A 83 3.46 0.18 -5.57
N CYS A 84 2.28 0.68 -5.15
CA CYS A 84 1.62 0.26 -3.92
C CYS A 84 1.49 -1.30 -3.84
N GLN A 85 1.07 -1.93 -4.94
CA GLN A 85 0.86 -3.39 -4.97
C GLN A 85 2.16 -4.16 -4.81
N LEU A 86 3.25 -3.59 -5.33
CA LEU A 86 4.58 -4.17 -5.25
C LEU A 86 5.37 -3.71 -4.01
N GLY A 87 4.76 -2.94 -3.11
CA GLY A 87 5.45 -2.45 -1.92
C GLY A 87 6.76 -1.72 -2.23
N LEU A 88 6.82 -1.23 -3.46
CA LEU A 88 7.99 -0.61 -4.03
C LEU A 88 7.79 0.92 -4.04
N ARG A 89 8.88 1.68 -4.03
CA ARG A 89 8.83 3.14 -4.14
C ARG A 89 8.60 3.64 -5.58
N ALA A 90 9.24 2.97 -6.53
CA ALA A 90 9.16 3.25 -7.96
C ALA A 90 7.95 2.59 -8.62
N ASN A 91 7.69 2.93 -9.90
CA ASN A 91 6.67 2.20 -10.68
C ASN A 91 7.26 0.91 -11.27
N ALA A 92 6.50 0.26 -12.15
CA ALA A 92 6.86 -1.07 -12.60
C ALA A 92 8.11 -1.08 -13.49
N ASN A 93 8.61 0.12 -13.83
CA ASN A 93 9.81 0.30 -14.64
C ASN A 93 11.08 0.63 -13.86
N GLY A 94 11.01 0.59 -12.53
CA GLY A 94 12.13 1.03 -11.72
C GLY A 94 12.38 2.54 -11.81
N VAL A 95 11.38 3.27 -12.32
CA VAL A 95 11.43 4.72 -12.38
C VAL A 95 10.89 5.36 -11.11
N ASP A 96 11.62 6.34 -10.58
CA ASP A 96 11.13 7.16 -9.48
C ASP A 96 10.20 8.23 -10.09
N LEU A 97 8.88 8.05 -9.94
CA LEU A 97 7.90 8.92 -10.58
C LEU A 97 8.10 10.39 -10.16
N ASN A 98 8.69 10.60 -8.99
CA ASN A 98 8.94 11.95 -8.50
C ASN A 98 10.31 12.43 -8.95
N ARG A 99 10.84 11.82 -10.00
CA ARG A 99 11.96 12.38 -10.73
C ARG A 99 11.61 12.34 -12.21
N ASN A 100 10.38 11.92 -12.50
CA ASN A 100 9.91 11.71 -13.87
C ASN A 100 9.02 12.84 -14.49
N PHE A 101 8.77 13.93 -13.77
CA PHE A 101 7.86 14.94 -14.30
C PHE A 101 8.58 15.90 -15.25
N PRO A 102 7.93 16.21 -16.39
CA PRO A 102 8.51 17.03 -17.46
C PRO A 102 8.80 18.48 -17.07
N ALA A 103 9.10 18.73 -15.80
CA ALA A 103 9.65 20.00 -15.35
C ALA A 103 10.91 20.38 -16.14
N ALA A 104 11.29 21.66 -16.08
CA ALA A 104 12.47 22.10 -16.82
C ALA A 104 13.73 21.42 -16.26
N ASN A 105 13.76 21.19 -14.95
CA ASN A 105 14.96 20.67 -14.31
C ASN A 105 15.14 19.16 -14.36
N TRP A 106 14.37 18.48 -15.22
CA TRP A 106 14.43 17.02 -15.40
C TRP A 106 15.79 16.60 -15.92
N LYS A 107 16.37 15.60 -15.26
CA LYS A 107 17.67 15.05 -15.67
C LYS A 107 17.62 13.55 -15.89
N GLU A 108 18.17 13.12 -17.02
CA GLU A 108 18.25 11.70 -17.37
C GLU A 108 19.17 10.93 -16.45
N GLY A 109 18.99 9.61 -16.37
CA GLY A 109 19.95 8.75 -15.69
C GLY A 109 19.42 8.21 -14.38
N GLU A 110 20.19 8.38 -13.32
CA GLU A 110 19.86 7.73 -12.08
C GLU A 110 19.51 8.69 -10.93
N THR A 111 18.71 8.20 -10.01
CA THR A 111 18.38 8.96 -8.82
C THR A 111 18.52 7.99 -7.66
N VAL A 112 18.81 8.50 -6.47
CA VAL A 112 19.04 7.66 -5.30
C VAL A 112 18.17 8.08 -4.12
N TYR A 113 17.49 7.12 -3.50
CA TYR A 113 16.68 7.41 -2.34
C TYR A 113 17.29 6.73 -1.10
N ARG A 114 16.76 7.03 0.07
CA ARG A 114 17.26 6.43 1.31
C ARG A 114 16.51 5.14 1.58
N TRP A 115 17.25 4.05 1.78
CA TRP A 115 16.65 2.73 2.05
C TRP A 115 15.52 2.88 3.08
N ASN A 116 15.85 3.49 4.21
CA ASN A 116 14.85 3.86 5.22
C ASN A 116 15.48 4.86 6.16
N SER A 117 14.71 5.35 7.14
CA SER A 117 15.19 6.36 8.09
C SER A 117 16.42 5.91 8.88
N ALA A 118 16.58 4.60 9.03
CA ALA A 118 17.76 4.01 9.67
C ALA A 118 19.03 4.22 8.85
N ALA A 119 18.95 3.99 7.53
CA ALA A 119 20.13 4.10 6.65
C ALA A 119 20.77 5.49 6.70
N GLU A 120 22.10 5.50 6.70
CA GLU A 120 22.86 6.71 6.92
C GLU A 120 23.07 7.53 5.65
N GLU A 121 22.87 6.91 4.50
CA GLU A 121 22.98 7.64 3.24
C GLU A 121 21.86 7.28 2.27
N ARG A 122 21.82 8.01 1.15
CA ARG A 122 20.93 7.72 0.04
C ARG A 122 21.77 7.02 -1.02
N ASP A 123 21.56 5.73 -1.22
CA ASP A 123 22.39 5.00 -2.17
C ASP A 123 21.59 4.02 -3.02
N VAL A 124 20.32 3.82 -2.72
CA VAL A 124 19.48 2.94 -3.53
C VAL A 124 19.11 3.57 -4.87
N VAL A 125 19.59 2.97 -5.95
CA VAL A 125 19.44 3.53 -7.29
C VAL A 125 18.06 3.29 -7.92
N LEU A 126 17.50 4.35 -8.51
CA LEU A 126 16.31 4.25 -9.34
C LEU A 126 16.53 4.98 -10.66
N LEU A 127 15.62 4.78 -11.61
CA LEU A 127 15.68 5.47 -12.90
C LEU A 127 14.76 6.75 -12.98
N THR A 128 15.15 7.74 -13.80
CA THR A 128 14.35 8.97 -13.91
C THR A 128 13.44 8.96 -15.14
N GLY A 129 13.46 7.86 -15.91
CA GLY A 129 12.72 7.79 -17.16
C GLY A 129 13.68 7.97 -18.32
N ASP A 130 13.33 7.42 -19.48
CA ASP A 130 14.23 7.56 -20.62
C ASP A 130 13.92 8.87 -21.35
N LYS A 131 12.86 9.54 -20.91
CA LYS A 131 12.60 10.88 -21.39
C LYS A 131 11.75 11.61 -20.36
N PRO A 132 11.81 12.96 -20.35
CA PRO A 132 10.98 13.78 -19.46
C PRO A 132 9.52 13.38 -19.54
N GLY A 133 8.92 13.00 -18.41
CA GLY A 133 7.53 12.59 -18.42
C GLY A 133 7.29 11.26 -19.13
N SER A 134 8.30 10.37 -19.14
CA SER A 134 8.17 9.09 -19.83
C SER A 134 7.00 8.21 -19.34
N GLU A 135 6.77 8.15 -18.03
CA GLU A 135 5.92 7.10 -17.48
C GLU A 135 4.41 7.38 -17.60
N PRO A 136 3.60 6.32 -17.82
CA PRO A 136 2.16 6.49 -18.02
C PRO A 136 1.49 7.09 -16.79
N GLU A 137 1.85 6.65 -15.59
CA GLU A 137 1.37 7.28 -14.37
C GLU A 137 1.66 8.78 -14.35
N THR A 138 2.80 9.19 -14.89
CA THR A 138 3.18 10.61 -14.87
C THR A 138 2.38 11.44 -15.86
N GLN A 139 2.29 10.94 -17.09
CA GLN A 139 1.52 11.61 -18.12
C GLN A 139 0.08 11.76 -17.72
N ALA A 140 -0.51 10.69 -17.19
CA ALA A 140 -1.91 10.70 -16.85
C ALA A 140 -2.23 11.76 -15.81
N LEU A 141 -1.39 11.85 -14.77
CA LEU A 141 -1.62 12.87 -13.77
C LEU A 141 -1.43 14.28 -14.35
N CYS A 142 -0.42 14.45 -15.22
CA CYS A 142 -0.15 15.74 -15.84
C CYS A 142 -1.31 16.27 -16.67
N GLN A 143 -2.01 15.35 -17.34
CA GLN A 143 -3.14 15.73 -18.17
C GLN A 143 -4.40 15.99 -17.34
N LEU A 144 -4.59 15.20 -16.29
CA LEU A 144 -5.63 15.43 -15.30
C LEU A 144 -5.55 16.87 -14.78
N ILE A 145 -4.36 17.28 -14.34
CA ILE A 145 -4.19 18.60 -13.75
C ILE A 145 -4.35 19.74 -14.77
N HIS A 146 -4.19 19.43 -16.06
CA HIS A 146 -4.49 20.41 -17.13
C HIS A 146 -5.99 20.50 -17.37
N ARG A 147 -6.65 19.35 -17.47
CA ARG A 147 -8.10 19.30 -17.64
C ARG A 147 -8.84 20.07 -16.53
N ILE A 148 -8.53 19.75 -15.26
CA ILE A 148 -9.32 20.27 -14.14
C ILE A 148 -8.88 21.64 -13.61
N GLN A 149 -7.62 22.02 -13.90
CA GLN A 149 -7.00 23.28 -13.42
C GLN A 149 -7.24 23.58 -11.93
N PRO A 150 -6.61 22.82 -11.04
CA PRO A 150 -6.87 23.00 -9.61
C PRO A 150 -6.36 24.31 -9.05
N ALA A 151 -6.90 24.74 -7.91
CA ALA A 151 -6.42 25.93 -7.22
C ALA A 151 -5.03 25.70 -6.64
N TRP A 152 -4.76 24.46 -6.26
CA TRP A 152 -3.50 24.05 -5.65
C TRP A 152 -3.43 22.53 -5.57
N VAL A 153 -2.31 22.00 -5.08
CA VAL A 153 -2.14 20.57 -4.90
C VAL A 153 -1.45 20.27 -3.57
N VAL A 154 -2.03 19.40 -2.75
CA VAL A 154 -1.31 18.82 -1.62
C VAL A 154 -0.95 17.35 -1.93
N SER A 155 0.34 17.05 -1.92
CA SER A 155 0.82 15.71 -2.19
C SER A 155 1.47 15.09 -0.95
N PHE A 156 0.86 14.02 -0.44
CA PHE A 156 1.34 13.35 0.77
C PHE A 156 2.44 12.31 0.51
N HIS A 157 3.48 12.33 1.36
CA HIS A 157 4.56 11.34 1.33
C HIS A 157 4.94 10.77 2.70
N ASP A 158 5.99 9.93 2.70
CA ASP A 158 6.69 9.37 3.87
C ASP A 158 8.19 9.55 3.77
N PRO A 159 8.90 9.63 4.91
CA PRO A 159 8.40 9.73 6.28
C PRO A 159 9.06 10.92 6.99
N LEU A 160 9.16 12.05 6.30
CA LEU A 160 10.01 13.14 6.75
C LEU A 160 9.35 14.08 7.75
N ALA A 161 8.11 13.77 8.13
CA ALA A 161 7.44 14.39 9.27
C ALA A 161 7.42 15.94 9.23
N CYS A 162 6.88 16.49 8.14
CA CYS A 162 6.83 17.93 8.01
C CYS A 162 5.96 18.38 6.83
N ILE A 163 5.60 19.66 6.82
CA ILE A 163 4.83 20.28 5.76
C ILE A 163 5.74 21.19 4.92
N GLU A 164 5.97 20.83 3.66
CA GLU A 164 6.85 21.62 2.80
C GLU A 164 6.10 22.58 1.92
N ASP A 165 5.93 23.82 2.39
CA ASP A 165 5.24 24.83 1.59
C ASP A 165 6.22 25.87 1.10
N PRO A 166 6.58 25.81 -0.19
CA PRO A 166 7.51 26.71 -0.89
C PRO A 166 7.02 28.16 -0.90
N ARG A 167 5.73 28.37 -0.62
CA ARG A 167 5.18 29.72 -0.58
C ARG A 167 5.06 30.26 0.84
N HIS A 168 5.06 29.36 1.82
CA HIS A 168 4.70 29.67 3.21
C HIS A 168 3.38 30.44 3.23
N SER A 169 2.29 29.74 2.91
CA SER A 169 0.98 30.37 2.82
C SER A 169 0.06 29.95 3.97
N GLU A 170 -1.24 30.23 3.82
CA GLU A 170 -2.21 29.90 4.86
C GLU A 170 -2.43 28.39 5.01
N LEU A 171 -2.67 27.75 3.87
CA LEU A 171 -2.91 26.33 3.82
C LEU A 171 -1.71 25.59 4.41
N GLY A 172 -0.53 26.12 4.10
CA GLY A 172 0.71 25.57 4.63
C GLY A 172 0.80 25.65 6.14
N GLU A 173 0.32 26.77 6.69
CA GLU A 173 0.31 26.95 8.14
C GLU A 173 -0.89 26.25 8.78
N TRP A 174 -1.99 26.14 8.03
CA TRP A 174 -3.09 25.30 8.47
C TRP A 174 -2.62 23.87 8.60
N LEU A 175 -1.97 23.36 7.55
CA LEU A 175 -1.53 21.97 7.51
C LEU A 175 -0.58 21.69 8.65
N ALA A 176 0.33 22.64 8.90
CA ALA A 176 1.33 22.46 9.94
C ALA A 176 0.67 22.29 11.29
N GLN A 177 -0.34 23.13 11.53
CA GLN A 177 -1.03 23.13 12.81
C GLN A 177 -1.97 21.93 12.92
N ALA A 178 -2.79 21.71 11.90
CA ALA A 178 -3.75 20.60 11.88
C ALA A 178 -3.12 19.21 11.99
N PHE A 179 -1.92 19.02 11.45
CA PHE A 179 -1.31 17.68 11.48
C PHE A 179 -0.17 17.57 12.52
N GLU A 180 0.05 18.67 13.24
CA GLU A 180 1.15 18.83 14.20
C GLU A 180 2.53 18.48 13.63
N LEU A 181 2.78 19.03 12.45
CA LEU A 181 4.05 18.87 11.78
C LEU A 181 4.65 20.24 11.53
N PRO A 182 5.97 20.34 11.70
CA PRO A 182 6.71 21.57 11.42
C PRO A 182 6.46 22.08 10.01
N LEU A 183 6.47 23.40 9.82
CA LEU A 183 6.34 23.97 8.48
C LEU A 183 7.70 24.42 7.96
N VAL A 184 8.05 23.96 6.77
CA VAL A 184 9.37 24.12 6.20
C VAL A 184 9.17 24.51 4.72
N THR A 185 10.19 25.03 4.05
CA THR A 185 10.02 25.30 2.61
C THR A 185 10.56 24.16 1.72
N SER A 186 11.58 23.42 2.18
CA SER A 186 12.12 22.34 1.36
C SER A 186 12.71 21.16 2.13
N VAL A 187 12.74 20.00 1.46
CA VAL A 187 13.61 18.91 1.85
C VAL A 187 15.02 19.28 1.40
N GLY A 188 15.89 19.61 2.34
CA GLY A 188 17.22 20.15 2.02
C GLY A 188 18.09 19.41 1.02
N TYR A 189 17.47 18.73 0.05
CA TYR A 189 18.20 18.14 -1.07
C TYR A 189 17.43 18.37 -2.37
N GLU A 190 18.13 18.20 -3.49
CA GLU A 190 17.62 18.48 -4.83
C GLU A 190 16.81 17.32 -5.39
N THR A 191 15.69 17.61 -6.05
CA THR A 191 14.85 16.58 -6.65
C THR A 191 14.44 16.93 -8.10
N PRO A 192 15.36 16.76 -9.06
CA PRO A 192 15.07 17.07 -10.47
C PRO A 192 13.90 16.25 -10.99
N GLY A 193 13.01 16.87 -11.74
CA GLY A 193 11.87 16.18 -12.33
C GLY A 193 10.77 15.85 -11.33
N SER A 194 10.85 16.41 -10.12
CA SER A 194 9.82 16.19 -9.09
C SER A 194 8.47 16.81 -9.45
N PHE A 195 7.41 16.33 -8.81
CA PHE A 195 6.06 16.79 -9.09
C PHE A 195 5.96 18.28 -8.75
N GLY A 196 6.53 18.66 -7.61
CA GLY A 196 6.58 20.05 -7.22
C GLY A 196 7.38 20.90 -8.17
N SER A 197 8.43 20.34 -8.75
CA SER A 197 9.22 21.06 -9.73
C SER A 197 8.40 21.36 -10.99
N TRP A 198 7.54 20.41 -11.34
CA TRP A 198 6.68 20.56 -12.49
C TRP A 198 5.59 21.60 -12.18
N CYS A 199 5.12 21.57 -10.95
CA CYS A 199 4.10 22.47 -10.51
C CYS A 199 4.59 23.92 -10.51
N ALA A 200 5.81 24.14 -10.02
CA ALA A 200 6.40 25.47 -9.98
C ALA A 200 6.50 26.06 -11.38
N ASP A 201 6.83 25.23 -12.37
CA ASP A 201 6.96 25.77 -13.73
C ASP A 201 5.60 26.15 -14.38
N LEU A 202 4.50 25.59 -13.87
CA LEU A 202 3.16 25.94 -14.33
C LEU A 202 2.58 27.07 -13.47
N ASN A 203 3.38 27.53 -12.51
CA ASN A 203 2.93 28.46 -11.47
C ASN A 203 1.75 27.91 -10.69
N LEU A 204 1.69 26.58 -10.55
CA LEU A 204 0.71 25.90 -9.70
C LEU A 204 1.26 25.66 -8.30
N HIS A 205 0.51 26.06 -7.28
CA HIS A 205 0.97 25.89 -5.90
C HIS A 205 0.89 24.43 -5.46
N CYS A 206 2.07 23.81 -5.27
CA CYS A 206 2.19 22.46 -4.73
C CYS A 206 2.79 22.48 -3.31
N ILE A 207 2.20 21.68 -2.43
CA ILE A 207 2.64 21.52 -1.07
C ILE A 207 2.86 20.05 -0.83
N THR A 208 4.06 19.65 -0.42
CA THR A 208 4.20 18.26 -0.02
C THR A 208 4.07 18.16 1.51
N ALA A 209 3.10 17.34 1.93
CA ALA A 209 2.89 17.05 3.32
C ALA A 209 3.51 15.70 3.66
N GLU A 210 4.66 15.70 4.33
CA GLU A 210 5.33 14.44 4.70
C GLU A 210 4.89 13.92 6.07
N PHE A 211 4.18 12.79 6.07
CA PHE A 211 3.84 12.11 7.30
C PHE A 211 5.11 11.75 8.05
N PRO A 212 4.99 11.46 9.35
CA PRO A 212 6.15 10.88 10.04
C PRO A 212 6.10 9.38 9.83
N PRO A 213 7.11 8.65 10.32
CA PRO A 213 6.93 7.19 10.35
C PRO A 213 5.76 6.86 11.25
N ILE A 214 4.77 6.16 10.72
CA ILE A 214 3.55 5.88 11.45
C ILE A 214 2.73 4.80 10.74
N SER A 215 2.15 3.90 11.52
CA SER A 215 1.37 2.80 10.95
C SER A 215 0.05 3.30 10.40
N SER A 216 -0.52 2.58 9.42
CA SER A 216 -1.85 2.85 8.90
C SER A 216 -2.95 2.69 9.97
N ASP A 217 -2.60 2.07 11.09
CA ASP A 217 -3.59 1.80 12.13
C ASP A 217 -3.73 2.98 13.09
N GLU A 218 -2.60 3.63 13.40
CA GLU A 218 -2.59 4.82 14.25
C GLU A 218 -2.86 6.13 13.47
N ALA A 219 -2.47 6.14 12.19
CA ALA A 219 -2.72 7.30 11.34
C ALA A 219 -4.22 7.39 11.01
N SER A 220 -4.87 6.23 10.93
CA SER A 220 -6.31 6.18 10.75
C SER A 220 -7.06 6.63 12.02
N GLU A 221 -6.30 6.75 13.11
CA GLU A 221 -6.76 7.29 14.40
C GLU A 221 -6.29 8.75 14.59
N LYS A 222 -4.98 8.94 14.60
CA LYS A 222 -4.35 10.22 14.96
C LYS A 222 -4.57 11.38 13.97
N TYR A 223 -4.69 11.06 12.68
CA TYR A 223 -4.66 12.08 11.60
C TYR A 223 -5.96 12.17 10.80
N LEU A 224 -6.96 11.40 11.21
CA LEU A 224 -8.20 11.29 10.46
C LEU A 224 -8.97 12.58 10.58
N PHE A 225 -8.83 13.22 11.74
CA PHE A 225 -9.45 14.51 12.02
C PHE A 225 -8.95 15.53 11.03
N ALA A 226 -7.63 15.68 11.01
CA ALA A 226 -6.99 16.64 10.12
C ALA A 226 -7.30 16.33 8.65
N MET A 227 -7.13 15.08 8.22
CA MET A 227 -7.38 14.72 6.82
C MET A 227 -8.80 15.06 6.37
N ALA A 228 -9.78 14.69 7.18
CA ALA A 228 -11.18 15.00 6.92
C ALA A 228 -11.44 16.51 6.81
N ASN A 229 -10.72 17.30 7.59
CA ASN A 229 -10.94 18.75 7.57
C ASN A 229 -10.28 19.38 6.35
N LEU A 230 -9.21 18.74 5.88
CA LEU A 230 -8.51 19.16 4.67
C LEU A 230 -9.36 18.99 3.42
N LEU A 231 -10.19 17.95 3.40
CA LEU A 231 -11.11 17.73 2.28
C LEU A 231 -12.15 18.86 2.16
N ARG A 232 -12.34 19.62 3.23
CA ARG A 232 -13.33 20.71 3.24
C ARG A 232 -12.72 22.07 3.58
N TRP A 233 -11.42 22.23 3.34
CA TRP A 233 -10.69 23.41 3.77
C TRP A 233 -10.98 24.62 2.92
N HIS A 234 -11.22 25.76 3.56
CA HIS A 234 -11.32 27.05 2.87
C HIS A 234 -10.53 28.10 3.66
N PRO A 235 -10.10 29.18 2.98
CA PRO A 235 -9.34 30.21 3.69
C PRO A 235 -10.17 30.94 4.76
N LYS A 236 -9.50 31.75 5.57
CA LYS A 236 -10.03 32.26 6.85
C LYS A 236 -11.45 32.82 6.91
N ASP A 237 -11.84 33.63 5.91
CA ASP A 237 -13.07 34.43 5.98
C ASP A 237 -14.28 33.70 6.58
N MET B 1 27.18 -14.92 -4.85
CA MET B 1 28.23 -14.96 -3.86
C MET B 1 27.78 -14.59 -2.44
N THR B 2 27.36 -13.34 -2.23
CA THR B 2 26.99 -12.86 -0.89
C THR B 2 25.56 -13.27 -0.49
N VAL B 3 25.27 -13.25 0.81
CA VAL B 3 23.93 -13.57 1.29
C VAL B 3 22.93 -12.56 0.79
N THR B 4 23.37 -11.29 0.72
CA THR B 4 22.47 -10.19 0.38
C THR B 4 23.02 -9.28 -0.73
N ARG B 5 22.12 -8.76 -1.56
CA ARG B 5 22.46 -7.75 -2.59
C ARG B 5 22.78 -6.41 -1.93
N PRO B 6 23.81 -5.71 -2.45
CA PRO B 6 24.19 -4.38 -1.93
C PRO B 6 22.99 -3.46 -1.90
N ARG B 7 22.90 -2.57 -0.92
CA ARG B 7 21.71 -1.74 -0.78
C ARG B 7 21.46 -0.93 -2.07
N ALA B 8 22.53 -0.57 -2.75
CA ALA B 8 22.44 0.22 -3.97
C ALA B 8 21.69 -0.48 -5.12
N GLU B 9 21.38 -1.76 -4.96
CA GLU B 9 20.76 -2.52 -6.03
C GLU B 9 19.33 -2.96 -5.67
N ARG B 10 18.89 -2.60 -4.47
CA ARG B 10 17.64 -3.11 -3.92
C ARG B 10 16.42 -2.24 -4.27
N GLY B 11 16.59 -1.36 -5.24
CA GLY B 11 15.47 -0.59 -5.74
C GLY B 11 14.58 -1.41 -6.67
N ALA B 12 15.16 -2.44 -7.28
CA ALA B 12 14.41 -3.26 -8.20
C ALA B 12 14.44 -4.74 -7.81
N PHE B 13 13.41 -5.44 -8.24
CA PHE B 13 13.34 -6.88 -8.04
C PHE B 13 14.38 -7.61 -8.89
N PRO B 14 14.78 -8.82 -8.44
CA PRO B 14 15.55 -9.68 -9.35
C PRO B 14 14.59 -10.13 -10.43
N PRO B 15 15.02 -10.16 -11.70
CA PRO B 15 14.10 -10.58 -12.77
C PRO B 15 13.51 -11.96 -12.49
N GLY B 16 12.27 -12.24 -12.86
CA GLY B 16 11.72 -13.57 -12.65
C GLY B 16 10.21 -13.64 -12.45
N THR B 17 9.60 -12.50 -12.21
CA THR B 17 8.18 -12.38 -11.89
C THR B 17 7.22 -13.07 -12.91
N GLU B 18 6.16 -13.69 -12.40
CA GLU B 18 5.08 -14.17 -13.27
C GLU B 18 3.71 -13.61 -12.84
N HIS B 19 2.73 -13.69 -13.72
CA HIS B 19 1.38 -13.27 -13.38
C HIS B 19 0.54 -14.51 -13.17
N TYR B 20 -0.38 -14.49 -12.20
CA TYR B 20 -1.26 -15.64 -12.03
C TYR B 20 -2.75 -15.30 -12.24
N GLY B 21 -3.01 -14.07 -12.68
CA GLY B 21 -4.36 -13.64 -12.99
C GLY B 21 -4.53 -12.14 -13.03
N ARG B 22 -5.79 -11.71 -13.00
CA ARG B 22 -6.08 -10.28 -13.06
C ARG B 22 -7.07 -9.92 -11.97
N SER B 23 -6.84 -8.75 -11.37
CA SER B 23 -7.69 -8.25 -10.32
C SER B 23 -9.04 -7.89 -10.90
N LEU B 24 -9.99 -7.55 -10.04
CA LEU B 24 -11.34 -7.18 -10.44
C LEU B 24 -11.32 -6.02 -11.43
N LEU B 25 -10.42 -5.08 -11.21
CA LEU B 25 -10.31 -3.86 -12.01
C LEU B 25 -9.25 -3.96 -13.10
N GLY B 26 -8.58 -5.10 -13.19
CA GLY B 26 -7.67 -5.32 -14.30
C GLY B 26 -6.18 -5.22 -14.01
N ALA B 27 -5.81 -4.92 -12.77
CA ALA B 27 -4.41 -5.02 -12.37
C ALA B 27 -3.94 -6.49 -12.35
N PRO B 28 -2.68 -6.73 -12.73
CA PRO B 28 -2.22 -8.12 -12.74
C PRO B 28 -2.14 -8.71 -11.32
N LEU B 29 -2.47 -10.00 -11.19
CA LEU B 29 -2.15 -10.73 -9.98
C LEU B 29 -0.75 -11.32 -10.16
N ILE B 30 0.15 -10.95 -9.26
CA ILE B 30 1.59 -11.21 -9.43
C ILE B 30 2.13 -12.23 -8.41
N TRP B 31 3.00 -13.13 -8.85
CA TRP B 31 3.68 -14.02 -7.90
C TRP B 31 5.14 -14.23 -8.33
N PHE B 32 5.99 -14.51 -7.35
CA PHE B 32 7.42 -14.63 -7.55
C PHE B 32 7.82 -16.07 -7.31
N PRO B 33 7.90 -16.85 -8.40
CA PRO B 33 8.29 -18.26 -8.33
C PRO B 33 9.66 -18.41 -7.68
N ALA B 34 9.79 -19.27 -6.68
CA ALA B 34 11.07 -19.52 -6.01
C ALA B 34 12.08 -20.11 -6.99
N PRO B 35 13.28 -19.50 -7.06
CA PRO B 35 14.38 -19.99 -7.91
C PRO B 35 14.90 -21.33 -7.42
N ALA B 36 15.15 -21.45 -6.12
CA ALA B 36 15.45 -22.75 -5.52
C ALA B 36 14.17 -23.53 -5.22
N ALA B 37 13.38 -23.80 -6.26
CA ALA B 37 12.10 -24.48 -6.04
C ALA B 37 12.28 -25.98 -5.82
N SER B 38 11.42 -26.54 -4.97
CA SER B 38 11.39 -27.98 -4.69
C SER B 38 10.11 -28.34 -3.94
N ARG B 39 9.89 -29.60 -3.61
CA ARG B 39 8.64 -30.01 -2.95
C ARG B 39 8.53 -29.49 -1.52
N GLU B 40 9.62 -28.95 -0.98
CA GLU B 40 9.60 -28.38 0.36
C GLU B 40 9.19 -26.92 0.34
N SER B 41 9.14 -26.34 -0.87
CA SER B 41 8.81 -24.93 -1.08
C SER B 41 7.43 -24.59 -0.55
N GLY B 42 7.38 -23.63 0.36
CA GLY B 42 6.12 -23.10 0.84
C GLY B 42 5.72 -21.84 0.08
N LEU B 43 4.56 -21.30 0.44
CA LEU B 43 4.05 -20.08 -0.15
C LEU B 43 3.91 -18.99 0.91
N ILE B 44 4.61 -17.88 0.71
CA ILE B 44 4.52 -16.74 1.62
C ILE B 44 3.76 -15.62 0.93
N LEU B 45 2.76 -15.07 1.60
CA LEU B 45 1.91 -14.12 0.92
C LEU B 45 1.45 -12.97 1.84
N ALA B 46 0.98 -11.88 1.25
CA ALA B 46 0.59 -10.70 2.01
C ALA B 46 -0.53 -9.92 1.33
N GLY B 47 -0.99 -8.88 2.01
CA GLY B 47 -1.92 -7.94 1.41
C GLY B 47 -3.25 -8.50 0.97
N THR B 48 -3.67 -9.62 1.56
CA THR B 48 -5.04 -10.08 1.38
C THR B 48 -6.00 -8.92 1.71
N HIS B 49 -5.60 -8.12 2.71
CA HIS B 49 -6.33 -6.93 3.08
C HIS B 49 -5.58 -5.68 2.63
N GLY B 50 -6.20 -4.89 1.76
CA GLY B 50 -5.56 -3.74 1.13
C GLY B 50 -4.91 -2.73 2.07
N ASP B 51 -5.39 -2.67 3.31
CA ASP B 51 -4.87 -1.72 4.30
C ASP B 51 -3.86 -2.33 5.26
N GLU B 52 -3.32 -3.50 4.92
CA GLU B 52 -2.33 -4.16 5.77
C GLU B 52 -0.99 -4.24 5.01
N ASN B 53 -0.24 -3.14 5.08
CA ASN B 53 0.81 -2.82 4.12
C ASN B 53 2.21 -2.86 4.66
N SER B 54 2.32 -2.91 5.98
CA SER B 54 3.60 -3.00 6.64
C SER B 54 4.20 -4.34 6.27
N SER B 55 3.33 -5.34 6.13
CA SER B 55 3.82 -6.65 5.79
C SER B 55 4.11 -6.77 4.30
N VAL B 56 3.35 -6.05 3.45
CA VAL B 56 3.60 -5.98 1.99
C VAL B 56 4.96 -5.37 1.69
N VAL B 57 5.23 -4.20 2.27
CA VAL B 57 6.48 -3.50 2.02
C VAL B 57 7.68 -4.27 2.57
N THR B 58 7.54 -4.84 3.77
CA THR B 58 8.63 -5.59 4.40
C THR B 58 9.00 -6.82 3.57
N LEU B 59 7.99 -7.54 3.08
CA LEU B 59 8.24 -8.71 2.22
C LEU B 59 8.82 -8.32 0.86
N SER B 60 8.32 -7.24 0.27
CA SER B 60 8.92 -6.67 -0.94
C SER B 60 10.39 -6.36 -0.74
N CYS B 61 10.71 -5.67 0.35
CA CYS B 61 12.10 -5.34 0.66
C CYS B 61 12.93 -6.61 0.89
N ALA B 62 12.35 -7.59 1.55
CA ALA B 62 13.07 -8.84 1.80
C ALA B 62 13.39 -9.52 0.47
N LEU B 63 12.37 -9.65 -0.37
CA LEU B 63 12.52 -10.12 -1.76
C LEU B 63 13.67 -9.43 -2.48
N ARG B 64 13.81 -8.14 -2.25
CA ARG B 64 14.77 -7.31 -2.98
C ARG B 64 16.11 -7.23 -2.25
N THR B 65 16.19 -7.91 -1.10
CA THR B 65 17.41 -7.95 -0.27
C THR B 65 18.18 -9.27 -0.40
N LEU B 66 17.49 -10.37 -0.12
CA LEU B 66 18.07 -11.71 -0.26
C LEU B 66 18.52 -12.06 -1.69
N THR B 67 19.78 -12.50 -1.83
CA THR B 67 20.30 -12.98 -3.12
C THR B 67 19.41 -14.10 -3.59
N PRO B 68 18.98 -14.03 -4.87
CA PRO B 68 17.97 -14.95 -5.45
C PRO B 68 18.18 -16.43 -5.12
N SER B 69 19.37 -16.98 -5.31
CA SER B 69 19.51 -18.45 -5.29
C SER B 69 19.24 -18.99 -3.89
N LEU B 70 19.22 -18.13 -2.88
CA LEU B 70 18.92 -18.56 -1.52
C LEU B 70 17.42 -18.67 -1.22
N ARG B 71 16.57 -18.15 -2.11
CA ARG B 71 15.13 -18.13 -1.81
C ARG B 71 14.53 -19.49 -2.13
N ARG B 72 13.83 -20.06 -1.14
CA ARG B 72 13.24 -21.39 -1.28
C ARG B 72 11.73 -21.37 -1.50
N HIS B 73 11.11 -20.25 -1.17
CA HIS B 73 9.65 -20.22 -1.06
C HIS B 73 9.03 -19.21 -2.00
N HIS B 74 7.87 -19.60 -2.54
CA HIS B 74 7.10 -18.76 -3.46
C HIS B 74 6.47 -17.59 -2.75
N VAL B 75 6.37 -16.45 -3.43
CA VAL B 75 5.88 -15.22 -2.80
C VAL B 75 4.81 -14.47 -3.59
N VAL B 76 3.74 -14.12 -2.91
CA VAL B 76 2.79 -13.12 -3.43
C VAL B 76 2.77 -11.91 -2.52
N LEU B 77 3.30 -10.78 -2.99
CA LEU B 77 3.31 -9.53 -2.20
C LEU B 77 1.92 -9.00 -1.87
N CYS B 78 1.00 -9.07 -2.82
CA CYS B 78 -0.28 -8.45 -2.65
C CYS B 78 -1.37 -9.29 -3.29
N VAL B 79 -2.23 -9.87 -2.46
CA VAL B 79 -3.32 -10.70 -2.95
C VAL B 79 -4.42 -9.79 -3.54
N ASN B 80 -4.54 -8.61 -2.97
CA ASN B 80 -5.66 -7.71 -3.23
C ASN B 80 -5.13 -6.35 -3.68
N PRO B 81 -4.77 -6.22 -4.97
CA PRO B 81 -4.09 -5.03 -5.47
C PRO B 81 -5.05 -3.83 -5.73
N ASP B 82 -6.31 -4.12 -6.00
CA ASP B 82 -7.28 -3.07 -6.09
C ASP B 82 -7.46 -2.47 -4.70
N GLY B 83 -7.92 -3.25 -3.74
CA GLY B 83 -8.06 -2.76 -2.37
C GLY B 83 -6.80 -2.06 -1.92
N CYS B 84 -5.65 -2.52 -2.44
CA CYS B 84 -4.38 -1.94 -2.04
C CYS B 84 -4.19 -0.50 -2.56
N GLN B 85 -4.47 -0.22 -3.84
CA GLN B 85 -4.35 1.19 -4.31
C GLN B 85 -5.48 2.08 -3.79
N LEU B 86 -6.59 1.47 -3.41
CA LEU B 86 -7.71 2.19 -2.81
C LEU B 86 -7.57 2.36 -1.31
N GLY B 87 -6.37 2.06 -0.81
CA GLY B 87 -6.12 2.01 0.62
C GLY B 87 -7.21 1.42 1.48
N LEU B 88 -7.97 0.43 0.98
CA LEU B 88 -8.96 -0.20 1.85
C LEU B 88 -8.89 -1.70 1.96
N ARG B 89 -9.48 -2.18 3.06
CA ARG B 89 -9.51 -3.57 3.44
C ARG B 89 -10.04 -4.53 2.37
N ALA B 90 -11.21 -4.23 1.80
CA ALA B 90 -11.91 -5.13 0.85
C ALA B 90 -11.31 -5.06 -0.54
N ASN B 91 -11.83 -5.86 -1.47
CA ASN B 91 -11.46 -5.66 -2.88
C ASN B 91 -12.38 -4.56 -3.49
N ALA B 92 -12.52 -4.49 -4.81
CA ALA B 92 -13.27 -3.36 -5.39
C ALA B 92 -14.78 -3.60 -5.33
N ASN B 93 -15.20 -4.84 -5.03
CA ASN B 93 -16.63 -5.16 -4.91
C ASN B 93 -17.20 -5.01 -3.50
N GLY B 94 -16.42 -4.49 -2.57
CA GLY B 94 -16.85 -4.42 -1.18
C GLY B 94 -16.67 -5.72 -0.40
N VAL B 95 -16.15 -6.77 -1.06
CA VAL B 95 -16.03 -8.10 -0.43
C VAL B 95 -14.80 -8.22 0.47
N ASP B 96 -14.98 -8.71 1.70
CA ASP B 96 -13.83 -9.06 2.54
C ASP B 96 -13.32 -10.35 1.98
N LEU B 97 -12.24 -10.28 1.21
CA LEU B 97 -11.71 -11.46 0.55
C LEU B 97 -11.45 -12.59 1.56
N ASN B 98 -11.01 -12.24 2.76
CA ASN B 98 -10.80 -13.25 3.80
C ASN B 98 -12.11 -13.68 4.46
N ARG B 99 -13.22 -13.60 3.71
CA ARG B 99 -14.49 -14.22 4.10
C ARG B 99 -15.08 -14.81 2.84
N ASN B 100 -14.29 -14.82 1.79
CA ASN B 100 -14.77 -15.22 0.46
C ASN B 100 -14.24 -16.57 -0.07
N PHE B 101 -13.33 -17.21 0.67
CA PHE B 101 -12.77 -18.45 0.14
C PHE B 101 -13.81 -19.56 0.12
N PRO B 102 -13.74 -20.42 -0.90
CA PRO B 102 -14.71 -21.51 -1.04
C PRO B 102 -14.39 -22.65 -0.07
N ALA B 103 -14.27 -22.31 1.22
CA ALA B 103 -14.18 -23.27 2.30
C ALA B 103 -15.53 -23.87 2.57
N ALA B 104 -15.56 -24.83 3.49
CA ALA B 104 -16.78 -25.56 3.78
C ALA B 104 -17.68 -24.77 4.71
N ASN B 105 -17.11 -23.72 5.30
CA ASN B 105 -17.85 -22.85 6.21
C ASN B 105 -18.06 -21.45 5.60
N TRP B 106 -17.98 -21.36 4.28
CA TRP B 106 -18.30 -20.09 3.65
C TRP B 106 -19.80 -19.81 3.82
N LYS B 107 -20.15 -19.00 4.81
CA LYS B 107 -21.52 -18.54 4.89
C LYS B 107 -21.66 -17.31 3.99
N GLU B 108 -22.80 -17.18 3.31
CA GLU B 108 -23.09 -15.96 2.55
C GLU B 108 -23.83 -14.97 3.44
N GLY B 109 -23.43 -13.72 3.37
CA GLY B 109 -24.09 -12.67 4.11
C GLY B 109 -23.21 -11.43 4.20
N GLU B 110 -23.17 -10.83 5.38
CA GLU B 110 -22.31 -9.69 5.60
C GLU B 110 -21.26 -10.00 6.65
N THR B 111 -20.15 -9.27 6.57
CA THR B 111 -19.08 -9.38 7.57
C THR B 111 -18.94 -7.99 8.17
N VAL B 112 -18.31 -7.91 9.35
CA VAL B 112 -18.02 -6.60 9.95
C VAL B 112 -16.59 -6.58 10.48
N TYR B 113 -16.00 -5.39 10.62
CA TYR B 113 -14.63 -5.30 11.09
C TYR B 113 -14.34 -4.02 11.85
N ARG B 114 -13.19 -3.98 12.52
CA ARG B 114 -12.85 -2.85 13.38
C ARG B 114 -12.26 -1.68 12.61
N TRP B 115 -12.65 -0.47 12.99
CA TRP B 115 -12.14 0.74 12.38
C TRP B 115 -10.60 0.78 12.58
N ASN B 116 -10.08 0.71 13.82
CA ASN B 116 -8.64 0.55 13.97
C ASN B 116 -8.43 -0.28 15.23
N SER B 117 -7.27 -0.14 15.87
CA SER B 117 -7.03 -0.77 17.17
C SER B 117 -7.87 -0.10 18.27
N ALA B 118 -8.03 1.21 18.13
CA ALA B 118 -8.79 2.03 19.06
C ALA B 118 -10.29 2.01 18.78
N ALA B 119 -10.73 0.96 18.09
CA ALA B 119 -12.08 0.89 17.54
C ALA B 119 -13.09 0.15 18.39
N GLU B 120 -12.62 -0.73 19.27
CA GLU B 120 -13.47 -1.38 20.31
C GLU B 120 -14.46 -2.39 19.70
N GLU B 121 -15.35 -1.94 18.80
CA GLU B 121 -16.43 -2.81 18.29
C GLU B 121 -16.38 -2.96 16.77
N ARG B 122 -16.38 -4.21 16.30
CA ARG B 122 -16.39 -4.54 14.88
C ARG B 122 -17.70 -4.16 14.19
N ASP B 123 -17.83 -2.92 13.76
CA ASP B 123 -19.08 -2.41 13.23
C ASP B 123 -19.03 -2.12 11.73
N VAL B 124 -17.85 -1.75 11.24
CA VAL B 124 -17.67 -1.41 9.82
C VAL B 124 -17.96 -2.62 8.93
N VAL B 125 -18.97 -2.48 8.08
CA VAL B 125 -19.56 -3.60 7.33
C VAL B 125 -18.87 -3.86 5.98
N LEU B 126 -18.77 -5.14 5.61
CA LEU B 126 -18.37 -5.53 4.26
C LEU B 126 -19.24 -6.69 3.84
N LEU B 127 -19.07 -7.16 2.61
CA LEU B 127 -19.78 -8.33 2.14
C LEU B 127 -18.84 -9.55 2.07
N THR B 128 -19.39 -10.70 1.71
CA THR B 128 -18.64 -11.96 1.71
C THR B 128 -18.56 -12.57 0.32
N GLY B 129 -19.28 -11.98 -0.62
CA GLY B 129 -19.27 -12.47 -1.97
C GLY B 129 -20.64 -13.00 -2.33
N ASP B 130 -20.86 -13.20 -3.62
CA ASP B 130 -22.15 -13.67 -4.07
C ASP B 130 -22.29 -15.16 -3.87
N LYS B 131 -21.29 -15.89 -4.36
CA LYS B 131 -21.17 -17.34 -4.21
C LYS B 131 -19.80 -17.62 -3.55
N PRO B 132 -19.54 -18.86 -3.08
CA PRO B 132 -18.23 -19.10 -2.48
C PRO B 132 -17.09 -18.91 -3.49
N GLY B 133 -15.97 -18.31 -3.08
CA GLY B 133 -14.88 -18.02 -3.98
C GLY B 133 -15.33 -17.15 -5.15
N SER B 134 -16.18 -16.16 -4.87
CA SER B 134 -16.83 -15.43 -5.97
C SER B 134 -15.88 -14.47 -6.67
N GLU B 135 -15.07 -13.78 -5.88
CA GLU B 135 -14.18 -12.75 -6.38
C GLU B 135 -13.07 -13.28 -7.31
N PRO B 136 -12.58 -12.44 -8.24
CA PRO B 136 -11.47 -12.88 -9.11
C PRO B 136 -10.22 -13.22 -8.30
N GLU B 137 -9.95 -12.42 -7.28
CA GLU B 137 -8.75 -12.54 -6.49
C GLU B 137 -8.69 -13.86 -5.76
N THR B 138 -9.83 -14.33 -5.26
CA THR B 138 -9.94 -15.56 -4.48
C THR B 138 -9.65 -16.78 -5.33
N GLN B 139 -10.27 -16.85 -6.51
CA GLN B 139 -10.05 -17.98 -7.39
C GLN B 139 -8.61 -18.05 -7.76
N ALA B 140 -8.09 -16.97 -8.34
CA ALA B 140 -6.69 -16.91 -8.76
C ALA B 140 -5.74 -17.47 -7.70
N LEU B 141 -5.88 -17.04 -6.45
CA LEU B 141 -5.03 -17.51 -5.38
C LEU B 141 -5.24 -19.00 -5.14
N CYS B 142 -6.50 -19.42 -5.12
CA CYS B 142 -6.82 -20.83 -4.95
C CYS B 142 -6.24 -21.66 -6.10
N GLN B 143 -6.46 -21.21 -7.33
CA GLN B 143 -5.91 -21.93 -8.49
C GLN B 143 -4.38 -21.96 -8.44
N LEU B 144 -3.77 -20.89 -7.91
CA LEU B 144 -2.31 -20.80 -7.83
C LEU B 144 -1.77 -21.83 -6.82
N ILE B 145 -2.49 -21.98 -5.71
CA ILE B 145 -2.09 -22.95 -4.69
C ILE B 145 -2.28 -24.40 -5.16
N HIS B 146 -3.33 -24.65 -5.93
CA HIS B 146 -3.56 -26.02 -6.39
C HIS B 146 -2.51 -26.41 -7.42
N ARG B 147 -2.17 -25.48 -8.31
CA ARG B 147 -1.11 -25.80 -9.26
C ARG B 147 0.26 -26.02 -8.56
N ILE B 148 0.76 -25.05 -7.81
CA ILE B 148 2.11 -25.18 -7.23
C ILE B 148 2.20 -26.13 -6.01
N GLN B 149 1.09 -26.26 -5.27
CA GLN B 149 1.03 -27.10 -4.06
C GLN B 149 2.16 -26.83 -3.09
N PRO B 150 2.08 -25.69 -2.38
CA PRO B 150 3.08 -25.31 -1.38
C PRO B 150 3.05 -26.31 -0.24
N ALA B 151 4.16 -26.49 0.47
CA ALA B 151 4.24 -27.43 1.59
C ALA B 151 3.51 -26.82 2.78
N TRP B 152 3.42 -25.49 2.75
CA TRP B 152 2.79 -24.68 3.78
C TRP B 152 2.55 -23.24 3.27
N VAL B 153 1.62 -22.55 3.93
CA VAL B 153 1.40 -21.14 3.65
C VAL B 153 1.59 -20.29 4.91
N VAL B 154 2.25 -19.15 4.75
CA VAL B 154 2.31 -18.15 5.81
C VAL B 154 1.59 -16.86 5.32
N SER B 155 0.49 -16.50 5.98
CA SER B 155 -0.32 -15.40 5.52
C SER B 155 -0.18 -14.19 6.42
N PHE B 156 0.45 -13.14 5.89
CA PHE B 156 0.68 -11.95 6.68
C PHE B 156 -0.55 -11.05 6.75
N HIS B 157 -0.84 -10.58 7.97
CA HIS B 157 -1.93 -9.68 8.29
C HIS B 157 -1.46 -8.68 9.34
N ASP B 158 -2.34 -7.78 9.77
CA ASP B 158 -2.10 -6.96 10.95
C ASP B 158 -3.45 -6.50 11.56
N PRO B 159 -3.43 -5.88 12.76
CA PRO B 159 -2.30 -5.50 13.63
C PRO B 159 -2.12 -6.34 14.92
N LEU B 160 -2.85 -7.44 15.09
CA LEU B 160 -2.63 -8.32 16.25
C LEU B 160 -1.16 -8.72 16.30
N ALA B 161 -0.50 -8.58 17.45
CA ALA B 161 0.95 -8.82 17.45
C ALA B 161 1.29 -10.25 17.90
N CYS B 162 1.30 -11.18 16.95
CA CYS B 162 1.51 -12.61 17.23
C CYS B 162 1.68 -13.51 15.98
N ILE B 163 2.13 -14.74 16.22
CA ILE B 163 2.10 -15.80 15.22
C ILE B 163 1.03 -16.80 15.60
N GLU B 164 0.08 -17.05 14.71
CA GLU B 164 -0.97 -18.03 14.93
C GLU B 164 -0.68 -19.31 14.13
N ASP B 165 -0.33 -20.38 14.85
CA ASP B 165 -0.01 -21.66 14.23
C ASP B 165 -0.75 -22.77 14.98
N PRO B 166 -1.91 -23.18 14.48
CA PRO B 166 -2.78 -24.15 15.17
C PRO B 166 -2.13 -25.54 15.27
N ARG B 167 -1.18 -25.83 14.40
CA ARG B 167 -0.42 -27.07 14.49
C ARG B 167 0.54 -27.13 15.68
N HIS B 168 0.91 -25.97 16.23
CA HIS B 168 2.09 -25.84 17.13
C HIS B 168 3.31 -26.36 16.34
N SER B 169 4.08 -25.57 15.60
CA SER B 169 5.13 -26.26 14.84
C SER B 169 6.49 -25.57 14.82
N GLU B 170 7.46 -26.24 14.20
CA GLU B 170 8.83 -25.77 14.16
C GLU B 170 8.88 -24.41 13.47
N LEU B 171 8.15 -24.27 12.37
CA LEU B 171 8.00 -23.00 11.65
C LEU B 171 7.36 -21.88 12.51
N GLY B 172 6.18 -22.18 13.07
CA GLY B 172 5.45 -21.26 13.91
C GLY B 172 6.22 -20.76 15.12
N GLU B 173 7.36 -21.37 15.41
CA GLU B 173 8.14 -20.89 16.54
C GLU B 173 9.49 -20.36 16.07
N TRP B 174 9.95 -20.84 14.91
CA TRP B 174 11.01 -20.13 14.22
C TRP B 174 10.50 -18.70 14.03
N LEU B 175 9.26 -18.61 13.53
CA LEU B 175 8.60 -17.34 13.25
C LEU B 175 8.47 -16.47 14.51
N ALA B 176 8.12 -17.10 15.63
CA ALA B 176 8.06 -16.40 16.92
C ALA B 176 9.44 -15.84 17.33
N GLN B 177 10.48 -16.68 17.32
CA GLN B 177 11.83 -16.18 17.65
C GLN B 177 12.29 -14.97 16.81
N ALA B 178 12.17 -15.09 15.50
CA ALA B 178 12.79 -14.16 14.55
C ALA B 178 12.01 -12.85 14.39
N PHE B 179 10.71 -12.90 14.63
CA PHE B 179 9.89 -11.69 14.60
C PHE B 179 9.61 -11.20 16.02
N GLU B 180 10.18 -11.91 16.99
CA GLU B 180 9.98 -11.62 18.41
C GLU B 180 8.52 -11.40 18.75
N LEU B 181 7.66 -12.28 18.24
CA LEU B 181 6.23 -12.20 18.49
C LEU B 181 5.77 -13.48 19.18
N PRO B 182 4.80 -13.35 20.10
CA PRO B 182 4.33 -14.53 20.82
C PRO B 182 3.69 -15.53 19.87
N LEU B 183 3.83 -16.82 20.13
CA LEU B 183 3.18 -17.86 19.33
C LEU B 183 1.85 -18.25 19.96
N VAL B 184 0.84 -18.57 19.14
CA VAL B 184 -0.48 -18.95 19.62
C VAL B 184 -1.12 -20.12 18.81
N THR B 185 -1.66 -21.11 19.51
CA THR B 185 -2.32 -22.25 18.85
C THR B 185 -3.84 -22.07 18.80
N TYR B 189 -9.14 -23.78 11.81
CA TYR B 189 -9.66 -22.42 11.67
C TYR B 189 -11.18 -22.43 11.52
N GLU B 190 -11.85 -21.52 12.23
CA GLU B 190 -13.31 -21.49 12.32
C GLU B 190 -13.91 -20.23 11.71
N THR B 191 -13.05 -19.23 11.47
CA THR B 191 -13.41 -17.98 10.78
C THR B 191 -14.06 -18.27 9.41
N PRO B 192 -15.38 -18.11 9.30
CA PRO B 192 -16.07 -18.62 8.10
C PRO B 192 -15.66 -17.95 6.79
N GLY B 193 -15.33 -18.79 5.79
CA GLY B 193 -14.89 -18.33 4.48
C GLY B 193 -13.50 -17.73 4.39
N SER B 194 -12.76 -17.75 5.51
CA SER B 194 -11.37 -17.27 5.54
C SER B 194 -10.35 -18.23 4.89
N PHE B 195 -9.14 -17.72 4.72
CA PHE B 195 -8.08 -18.44 4.01
C PHE B 195 -7.67 -19.68 4.81
N GLY B 196 -7.52 -19.49 6.11
CA GLY B 196 -7.16 -20.55 7.03
C GLY B 196 -8.16 -21.69 7.13
N SER B 197 -9.44 -21.42 6.91
CA SER B 197 -10.42 -22.50 6.90
C SER B 197 -10.27 -23.33 5.64
N TRP B 198 -10.18 -22.64 4.51
CA TRP B 198 -9.95 -23.26 3.21
C TRP B 198 -8.68 -24.12 3.15
N CYS B 199 -7.63 -23.71 3.86
CA CYS B 199 -6.40 -24.50 3.95
C CYS B 199 -6.60 -25.69 4.88
N ALA B 200 -7.41 -25.47 5.92
CA ALA B 200 -7.71 -26.50 6.88
C ALA B 200 -8.35 -27.69 6.17
N ASP B 201 -9.31 -27.41 5.28
CA ASP B 201 -10.02 -28.44 4.51
C ASP B 201 -9.05 -29.34 3.75
N LEU B 202 -7.98 -28.75 3.25
CA LEU B 202 -6.96 -29.44 2.45
C LEU B 202 -5.82 -30.00 3.26
N ASN B 203 -5.82 -29.77 4.57
CA ASN B 203 -4.66 -30.05 5.41
C ASN B 203 -3.42 -29.35 4.91
N LEU B 204 -3.64 -28.22 4.23
CA LEU B 204 -2.58 -27.30 3.94
C LEU B 204 -2.25 -26.55 5.22
N HIS B 205 -1.02 -26.71 5.69
CA HIS B 205 -0.50 -26.03 6.86
C HIS B 205 -0.55 -24.53 6.59
N CYS B 206 -1.25 -23.79 7.45
CA CYS B 206 -1.38 -22.34 7.27
C CYS B 206 -1.12 -21.58 8.59
N ILE B 207 -0.04 -20.81 8.61
CA ILE B 207 0.26 -19.90 9.71
C ILE B 207 -0.07 -18.45 9.35
N THR B 208 -0.95 -17.83 10.11
CA THR B 208 -1.22 -16.42 9.95
C THR B 208 -0.16 -15.64 10.74
N ALA B 209 0.58 -14.78 10.05
CA ALA B 209 1.63 -13.99 10.67
C ALA B 209 1.12 -12.58 10.86
N GLU B 210 0.71 -12.28 12.08
CA GLU B 210 0.05 -11.03 12.38
C GLU B 210 1.04 -9.94 12.83
N PHE B 211 1.35 -9.02 11.94
CA PHE B 211 2.21 -7.90 12.29
C PHE B 211 1.55 -7.10 13.41
N PRO B 212 2.37 -6.39 14.19
CA PRO B 212 1.88 -5.32 15.07
C PRO B 212 1.64 -4.01 14.30
N PRO B 213 0.84 -3.08 14.88
CA PRO B 213 0.75 -1.73 14.30
C PRO B 213 2.14 -1.12 14.15
N ILE B 214 2.63 -1.00 12.91
CA ILE B 214 4.00 -0.52 12.67
C ILE B 214 4.12 0.16 11.30
N SER B 215 4.93 1.21 11.26
CA SER B 215 5.15 1.94 10.03
C SER B 215 5.88 1.04 9.04
N SER B 216 5.73 1.31 7.75
CA SER B 216 6.54 0.65 6.75
C SER B 216 8.00 1.00 6.98
N ASP B 217 8.24 2.20 7.51
CA ASP B 217 9.60 2.67 7.73
C ASP B 217 10.31 1.93 8.86
N GLU B 218 9.57 1.50 9.88
CA GLU B 218 10.21 0.83 10.99
C GLU B 218 10.38 -0.66 10.68
N ALA B 219 9.32 -1.25 10.12
CA ALA B 219 9.25 -2.68 9.80
C ALA B 219 10.35 -3.11 8.80
N SER B 220 10.55 -2.30 7.77
CA SER B 220 11.60 -2.51 6.76
C SER B 220 13.04 -2.47 7.30
N GLU B 221 13.16 -2.08 8.56
CA GLU B 221 14.43 -2.13 9.26
C GLU B 221 14.37 -3.22 10.33
N LYS B 222 13.31 -3.18 11.12
CA LYS B 222 13.16 -4.03 12.31
C LYS B 222 12.94 -5.49 11.92
N TYR B 223 12.20 -5.68 10.84
CA TYR B 223 11.76 -7.02 10.45
C TYR B 223 12.39 -7.50 9.15
N LEU B 224 13.36 -6.76 8.66
CA LEU B 224 13.92 -7.04 7.35
C LEU B 224 14.56 -8.40 7.34
N PHE B 225 15.48 -8.64 8.28
CA PHE B 225 16.24 -9.91 8.40
C PHE B 225 15.35 -11.10 8.69
N ALA B 226 14.42 -11.00 9.65
CA ALA B 226 13.49 -12.11 9.91
C ALA B 226 12.74 -12.53 8.66
N MET B 227 12.18 -11.56 7.94
CA MET B 227 11.51 -11.79 6.65
C MET B 227 12.44 -12.49 5.64
N ALA B 228 13.62 -11.94 5.43
CA ALA B 228 14.56 -12.48 4.45
C ALA B 228 14.97 -13.90 4.80
N ASN B 229 15.09 -14.18 6.09
CA ASN B 229 15.42 -15.54 6.54
C ASN B 229 14.23 -16.45 6.34
N LEU B 230 13.02 -15.89 6.37
CA LEU B 230 11.81 -16.68 6.12
C LEU B 230 11.81 -17.23 4.69
N LEU B 231 12.30 -16.44 3.73
CA LEU B 231 12.36 -16.86 2.33
C LEU B 231 13.41 -17.96 2.14
N ARG B 232 14.22 -18.13 3.18
CA ARG B 232 15.44 -18.94 3.16
C ARG B 232 15.25 -20.16 4.04
N TRP B 233 14.08 -20.26 4.67
CA TRP B 233 13.90 -21.16 5.79
C TRP B 233 13.93 -22.64 5.43
N HIS B 234 14.47 -23.44 6.35
CA HIS B 234 14.47 -24.89 6.24
C HIS B 234 14.54 -25.45 7.65
N PRO B 235 13.75 -26.49 7.92
CA PRO B 235 13.83 -27.12 9.25
C PRO B 235 15.28 -27.44 9.58
N LYS B 236 15.83 -26.83 10.61
CA LYS B 236 17.27 -26.95 10.85
C LYS B 236 17.68 -28.39 11.17
N ASP B 237 16.67 -29.25 11.33
CA ASP B 237 16.87 -30.70 11.41
C ASP B 237 17.84 -31.22 12.48
ZN ZN C . 8.83 10.64 -0.52
AS CAC D . 10.45 13.48 -1.89
O1 CAC D . 9.96 12.84 -0.43
O2 CAC D . 9.38 12.97 -3.18
C1 CAC D . 10.39 15.42 -1.79
C2 CAC D . 12.20 12.81 -2.33
ZN ZN E . -6.71 -8.74 9.01
AS CAC F . -9.11 -11.61 10.23
O1 CAC F . -9.97 -11.30 8.85
O2 CAC F . -7.44 -11.07 10.03
C1 CAC F . -9.94 -10.70 11.70
C2 CAC F . -9.09 -13.52 10.58
#